data_7OO4
#
_entry.id   7OO4
#
_cell.length_a   52.319
_cell.length_b   68.986
_cell.length_c   86.020
_cell.angle_alpha   90.000
_cell.angle_beta   90.000
_cell.angle_gamma   90.000
#
_symmetry.space_group_name_H-M   'P 21 21 21'
#
loop_
_entity.id
_entity.type
_entity.pdbx_description
1 polymer 'Haloalkane dehalogenase'
2 non-polymer 'CHLORIDE ION'
3 non-polymer 4-[(E)-2-[1-(7-chloranylheptyl)pyridin-1-ium-4-yl]ethenyl]-N,N-dimethyl-aniline
4 water water
#
_entity_poly.entity_id   1
_entity_poly.type   'polypeptide(L)'
_entity_poly.pdbx_seq_one_letter_code
;MAEIGTGFPFDPHYVEVLGERMHYVDVGPRDGTPVLFLHGNPTSSYVWRNIIPHVAPTHRCIAPDLIGMGKSDKPDLGYF
FDDHVRFMDAFIEALGLEEVVLVIHDWGSALGFHWAKRNPERVKGIAFMEFIRPIPTWDEWPEFARETFQAFRTTDVGRK
LIIDQNVFIEGTLPMGVVRPLTEVEMDHYREPFLNPVDREPLWRFPNELPIAGEPANIVALVEEYMDWLHQSPVPKLLFW
GTPGVLIPPAEAARLAKSLPNCKAVDIGPGLNLLQEDNPDLIGSEIARWLSTLEHHHHHH
;
_entity_poly.pdbx_strand_id   A
#
loop_
_chem_comp.id
_chem_comp.type
_chem_comp.name
_chem_comp.formula
CL non-polymer 'CHLORIDE ION' 'Cl -1'
VF2 non-polymer 4-[(E)-2-[1-(7-chloranylheptyl)pyridin-1-ium-4-yl]ethenyl]-N,N-dimethyl-aniline 'C22 H30 Cl N2 1'
#
# COMPACT_ATOMS: atom_id res chain seq x y z
N GLU A 3 -9.87 21.62 -5.55
CA GLU A 3 -8.91 20.76 -6.32
C GLU A 3 -8.08 19.89 -5.35
N ILE A 4 -7.91 18.61 -5.63
CA ILE A 4 -7.10 17.66 -4.81
C ILE A 4 -5.61 18.08 -4.86
N GLY A 5 -4.97 18.19 -3.68
CA GLY A 5 -3.66 18.81 -3.53
C GLY A 5 -2.59 18.04 -4.26
N THR A 6 -1.73 18.73 -5.00
CA THR A 6 -0.60 18.10 -5.71
C THR A 6 0.73 18.26 -4.95
N GLY A 7 0.81 19.20 -3.98
CA GLY A 7 2.03 19.44 -3.18
C GLY A 7 2.39 18.28 -2.24
N PHE A 8 3.69 18.07 -2.01
CA PHE A 8 4.29 17.18 -0.96
C PHE A 8 5.18 18.04 -0.08
N PRO A 9 4.61 18.74 0.93
CA PRO A 9 5.35 19.77 1.66
C PRO A 9 6.26 19.20 2.78
N PHE A 10 6.08 17.92 3.10
CA PHE A 10 6.55 17.28 4.36
C PHE A 10 8.08 17.31 4.46
N ASP A 11 8.59 17.81 5.59
CA ASP A 11 10.03 17.70 5.93
C ASP A 11 10.44 16.22 5.88
N PRO A 12 11.63 15.91 5.35
CA PRO A 12 12.11 14.55 5.36
C PRO A 12 12.54 14.04 6.74
N HIS A 13 12.33 12.76 6.99
CA HIS A 13 13.00 12.07 8.12
C HIS A 13 13.75 10.89 7.58
N TYR A 14 14.82 10.51 8.24
CA TYR A 14 15.67 9.38 7.81
C TYR A 14 16.07 8.56 9.02
N VAL A 15 16.19 7.26 8.82
CA VAL A 15 16.64 6.30 9.86
C VAL A 15 17.46 5.23 9.12
N GLU A 16 18.55 4.78 9.74
CA GLU A 16 19.40 3.69 9.20
C GLU A 16 18.67 2.38 9.50
N VAL A 17 18.34 1.64 8.46
CA VAL A 17 17.73 0.29 8.58
C VAL A 17 18.54 -0.66 7.70
N LEU A 18 19.07 -1.70 8.33
CA LEU A 18 19.94 -2.77 7.73
C LEU A 18 21.00 -2.17 6.78
N GLY A 19 21.70 -1.12 7.24
CA GLY A 19 22.82 -0.49 6.52
C GLY A 19 22.34 0.37 5.36
N GLU A 20 21.02 0.57 5.24
CA GLU A 20 20.47 1.52 4.23
C GLU A 20 19.67 2.58 4.96
N ARG A 21 19.50 3.72 4.30
CA ARG A 21 18.70 4.86 4.79
C ARG A 21 17.32 4.81 4.10
N MET A 22 16.28 4.80 4.91
CA MET A 22 14.86 4.81 4.49
C MET A 22 14.29 6.18 4.83
N HIS A 23 13.59 6.84 3.88
CA HIS A 23 12.83 8.10 4.11
C HIS A 23 11.47 7.79 4.78
N TYR A 24 10.95 8.71 5.57
CA TYR A 24 9.55 8.63 6.05
C TYR A 24 9.05 10.01 6.40
N VAL A 25 7.75 10.19 6.32
CA VAL A 25 7.03 11.37 6.85
C VAL A 25 6.75 11.06 8.30
N ASP A 26 6.89 12.07 9.13
CA ASP A 26 6.53 12.06 10.56
C ASP A 26 5.87 13.42 10.84
N VAL A 27 4.58 13.38 11.12
CA VAL A 27 3.76 14.57 11.46
C VAL A 27 2.88 14.16 12.64
N GLY A 28 2.73 15.05 13.63
CA GLY A 28 1.64 14.95 14.61
C GLY A 28 2.18 14.76 16.03
N PRO A 29 1.32 14.71 17.05
CA PRO A 29 1.77 14.65 18.43
C PRO A 29 2.33 13.28 18.82
N ARG A 30 3.35 13.32 19.67
CA ARG A 30 4.09 12.11 20.08
C ARG A 30 3.43 11.49 21.31
N ASP A 31 2.23 11.91 21.74
CA ASP A 31 1.66 11.49 23.04
C ASP A 31 0.43 10.61 22.85
N GLY A 32 0.51 9.59 22.00
CA GLY A 32 -0.57 8.61 21.82
C GLY A 32 -0.08 7.42 21.01
N THR A 33 -0.99 6.69 20.36
CA THR A 33 -0.68 5.55 19.49
C THR A 33 -0.42 6.07 18.08
N PRO A 34 0.73 5.75 17.47
CA PRO A 34 1.07 6.27 16.15
C PRO A 34 0.34 5.51 15.04
N VAL A 35 0.17 6.16 13.89
CA VAL A 35 -0.54 5.62 12.70
C VAL A 35 0.50 5.40 11.58
N LEU A 36 0.73 4.12 11.24
CA LEU A 36 1.75 3.68 10.24
C LEU A 36 1.03 3.41 8.90
N PHE A 37 1.31 4.26 7.91
CA PHE A 37 0.75 4.30 6.54
C PHE A 37 1.73 3.58 5.63
N LEU A 38 1.30 2.56 4.90
CA LEU A 38 2.22 1.79 4.02
C LEU A 38 1.69 1.85 2.60
N HIS A 39 2.47 2.40 1.66
CA HIS A 39 2.09 2.45 0.23
C HIS A 39 2.38 1.11 -0.48
N GLY A 40 1.88 0.98 -1.72
CA GLY A 40 2.16 -0.17 -2.58
C GLY A 40 2.99 0.20 -3.81
N ASN A 41 2.77 -0.57 -4.89
CA ASN A 41 3.45 -0.38 -6.19
C ASN A 41 2.57 0.42 -7.15
N PRO A 42 3.10 1.38 -7.93
CA PRO A 42 4.45 1.95 -7.82
C PRO A 42 4.50 3.35 -7.17
N THR A 43 3.86 3.51 -6.03
CA THR A 43 3.69 4.80 -5.34
C THR A 43 4.85 5.01 -4.34
N SER A 44 4.62 5.90 -3.39
CA SER A 44 5.47 6.26 -2.23
C SER A 44 4.55 6.88 -1.19
N SER A 45 5.11 7.41 -0.10
CA SER A 45 4.39 8.26 0.88
C SER A 45 3.57 9.34 0.16
N TYR A 46 3.92 9.72 -1.09
CA TYR A 46 3.18 10.76 -1.88
C TYR A 46 1.68 10.40 -1.94
N VAL A 47 1.37 9.10 -1.95
CA VAL A 47 -0.03 8.63 -2.12
C VAL A 47 -0.87 9.02 -0.90
N TRP A 48 -0.21 9.32 0.24
CA TRP A 48 -0.88 9.59 1.53
C TRP A 48 -0.94 11.10 1.82
N ARG A 49 -0.33 11.93 0.98
CA ARG A 49 -0.17 13.39 1.21
C ARG A 49 -1.50 14.06 1.54
N ASN A 50 -2.64 13.69 0.97
CA ASN A 50 -3.93 14.43 1.18
C ASN A 50 -4.75 13.75 2.29
N ILE A 51 -4.28 12.60 2.79
CA ILE A 51 -4.96 11.81 3.86
C ILE A 51 -4.38 12.16 5.24
N ILE A 52 -3.05 12.22 5.34
CA ILE A 52 -2.25 12.49 6.58
C ILE A 52 -2.68 13.80 7.25
N PRO A 53 -2.98 14.90 6.51
CA PRO A 53 -3.47 16.14 7.13
C PRO A 53 -4.77 15.97 7.94
N HIS A 54 -5.59 14.99 7.63
CA HIS A 54 -6.84 14.76 8.41
C HIS A 54 -6.54 14.05 9.70
N VAL A 55 -5.43 13.32 9.77
CA VAL A 55 -5.13 12.43 10.93
C VAL A 55 -4.16 13.17 11.84
N ALA A 56 -3.20 13.92 11.28
CA ALA A 56 -2.05 14.54 12.00
C ALA A 56 -2.55 15.34 13.21
N PRO A 57 -3.63 16.13 13.12
CA PRO A 57 -4.03 16.99 14.24
C PRO A 57 -4.23 16.22 15.56
N THR A 58 -4.58 14.93 15.50
CA THR A 58 -4.82 14.13 16.73
C THR A 58 -3.79 13.01 16.87
N HIS A 59 -3.39 12.34 15.80
CA HIS A 59 -2.47 11.18 15.90
C HIS A 59 -1.20 11.45 15.13
N ARG A 60 -0.07 10.93 15.63
CA ARG A 60 1.20 10.92 14.87
C ARG A 60 0.97 10.04 13.64
N CYS A 61 1.47 10.50 12.48
CA CYS A 61 1.36 9.88 11.15
C CYS A 61 2.80 9.58 10.73
N ILE A 62 3.10 8.31 10.49
CA ILE A 62 4.41 7.83 9.98
C ILE A 62 4.14 7.16 8.63
N ALA A 63 4.83 7.59 7.57
CA ALA A 63 4.62 7.12 6.22
C ALA A 63 5.98 6.87 5.57
N PRO A 64 6.52 5.65 5.70
CA PRO A 64 7.78 5.28 5.06
C PRO A 64 7.63 5.08 3.54
N ASP A 65 8.70 5.38 2.81
CA ASP A 65 8.92 4.94 1.44
C ASP A 65 9.56 3.55 1.55
N LEU A 66 8.96 2.52 0.98
CA LEU A 66 9.57 1.18 0.99
C LEU A 66 10.99 1.28 0.39
N ILE A 67 11.80 0.27 0.67
CA ILE A 67 13.18 0.24 0.11
C ILE A 67 13.10 0.27 -1.42
N GLY A 68 13.99 1.00 -2.06
CA GLY A 68 14.01 1.15 -3.52
C GLY A 68 13.01 2.22 -3.95
N MET A 69 12.23 2.79 -3.03
CA MET A 69 11.12 3.63 -3.56
C MET A 69 11.15 5.00 -2.89
N GLY A 70 10.36 5.93 -3.41
CA GLY A 70 10.29 7.30 -2.91
C GLY A 70 11.68 7.86 -2.74
N LYS A 71 11.99 8.30 -1.52
CA LYS A 71 13.29 8.92 -1.21
C LYS A 71 14.14 7.96 -0.38
N SER A 72 13.79 6.68 -0.34
CA SER A 72 14.62 5.72 0.42
C SER A 72 15.81 5.34 -0.46
N ASP A 73 16.86 4.76 0.12
CA ASP A 73 18.05 4.35 -0.67
C ASP A 73 17.58 3.32 -1.71
N LYS A 74 18.44 3.05 -2.68
CA LYS A 74 18.21 2.12 -3.79
C LYS A 74 19.31 1.06 -3.76
N PRO A 75 19.31 0.13 -2.78
CA PRO A 75 20.26 -0.99 -2.79
C PRO A 75 20.15 -1.94 -3.98
N ASP A 76 21.12 -2.88 -4.07
CA ASP A 76 21.24 -3.83 -5.20
C ASP A 76 20.64 -5.16 -4.74
N LEU A 77 19.30 -5.20 -4.65
CA LEU A 77 18.47 -6.34 -4.20
C LEU A 77 17.67 -6.80 -5.40
N GLY A 78 17.17 -8.03 -5.37
CA GLY A 78 16.06 -8.45 -6.26
C GLY A 78 14.74 -7.73 -5.97
N TYR A 79 14.58 -7.14 -4.78
CA TYR A 79 13.39 -6.35 -4.34
C TYR A 79 12.17 -7.28 -4.19
N PHE A 80 12.42 -8.56 -3.89
CA PHE A 80 11.37 -9.58 -3.58
C PHE A 80 10.43 -9.02 -2.52
N PHE A 81 9.31 -9.69 -2.27
CA PHE A 81 8.43 -9.37 -1.11
C PHE A 81 9.24 -9.53 0.17
N ASP A 82 10.04 -10.58 0.20
CA ASP A 82 10.76 -10.93 1.45
C ASP A 82 11.77 -9.84 1.81
N ASP A 83 12.36 -9.18 0.82
CA ASP A 83 13.25 -8.00 1.00
C ASP A 83 12.45 -6.89 1.71
N HIS A 84 11.27 -6.59 1.22
CA HIS A 84 10.37 -5.59 1.85
C HIS A 84 10.04 -6.00 3.28
N VAL A 85 9.76 -7.27 3.54
CA VAL A 85 9.42 -7.73 4.92
C VAL A 85 10.62 -7.40 5.80
N ARG A 86 11.82 -7.75 5.35
CA ARG A 86 13.04 -7.58 6.16
C ARG A 86 13.16 -6.10 6.50
N PHE A 87 13.10 -5.20 5.53
CA PHE A 87 13.35 -3.74 5.78
C PHE A 87 12.23 -3.08 6.60
N MET A 88 10.97 -3.48 6.39
CA MET A 88 9.83 -2.90 7.15
C MET A 88 9.83 -3.43 8.58
N ASP A 89 10.12 -4.71 8.79
CA ASP A 89 10.31 -5.25 10.17
C ASP A 89 11.29 -4.35 10.97
N ALA A 90 12.45 -4.10 10.36
CA ALA A 90 13.55 -3.30 10.93
C ALA A 90 13.14 -1.82 10.98
N PHE A 91 12.37 -1.30 10.02
CA PHE A 91 11.98 0.13 10.08
C PHE A 91 11.16 0.35 11.35
N ILE A 92 10.29 -0.59 11.73
CA ILE A 92 9.35 -0.39 12.89
C ILE A 92 10.14 -0.47 14.21
N GLU A 93 11.03 -1.46 14.31
CA GLU A 93 11.98 -1.62 15.44
C GLU A 93 12.93 -0.42 15.48
N ALA A 94 13.44 0.01 14.34
CA ALA A 94 14.34 1.17 14.27
C ALA A 94 13.67 2.40 14.88
N LEU A 95 12.34 2.51 14.81
CA LEU A 95 11.59 3.70 15.28
C LEU A 95 11.09 3.49 16.72
N GLY A 96 11.32 2.30 17.29
CA GLY A 96 10.91 1.98 18.68
C GLY A 96 9.40 1.99 18.83
N LEU A 97 8.64 1.60 17.83
CA LEU A 97 7.15 1.57 17.91
C LEU A 97 6.77 0.36 18.74
N GLU A 98 5.88 0.54 19.70
CA GLU A 98 5.26 -0.55 20.46
C GLU A 98 3.95 -0.91 19.74
N GLU A 99 2.91 -0.14 20.02
CA GLU A 99 1.55 -0.35 19.49
C GLU A 99 1.34 0.64 18.35
N VAL A 100 0.69 0.19 17.30
CA VAL A 100 0.43 0.99 16.08
C VAL A 100 -0.99 0.71 15.64
N VAL A 101 -1.55 1.71 14.96
CA VAL A 101 -2.62 1.53 13.96
C VAL A 101 -1.98 1.56 12.57
N LEU A 102 -2.40 0.62 11.72
CA LEU A 102 -1.92 0.41 10.33
C LEU A 102 -2.95 1.01 9.35
N VAL A 103 -2.47 1.70 8.32
CA VAL A 103 -3.27 2.22 7.19
C VAL A 103 -2.53 1.75 5.93
N ILE A 104 -3.13 0.84 5.17
CA ILE A 104 -2.30 -0.01 4.28
C ILE A 104 -3.05 -0.19 2.98
N HIS A 105 -2.28 -0.45 1.93
CA HIS A 105 -2.77 -0.50 0.54
C HIS A 105 -1.86 -1.32 -0.36
N ASP A 106 -2.44 -2.21 -1.18
CA ASP A 106 -1.70 -2.99 -2.19
C ASP A 106 -0.59 -3.75 -1.48
N TRP A 107 0.66 -3.59 -1.92
CA TRP A 107 1.80 -4.29 -1.31
C TRP A 107 2.01 -3.82 0.12
N GLY A 108 1.62 -2.59 0.46
CA GLY A 108 1.60 -2.14 1.86
C GLY A 108 0.65 -2.99 2.71
N SER A 109 -0.43 -3.52 2.14
CA SER A 109 -1.41 -4.36 2.92
C SER A 109 -0.84 -5.75 3.13
N ALA A 110 -0.03 -6.23 2.19
CA ALA A 110 0.73 -7.50 2.32
C ALA A 110 1.73 -7.36 3.47
N LEU A 111 2.53 -6.30 3.47
CA LEU A 111 3.47 -6.03 4.58
C LEU A 111 2.69 -5.86 5.90
N GLY A 112 1.63 -5.07 5.90
CA GLY A 112 0.85 -4.76 7.11
C GLY A 112 0.21 -6.01 7.69
N PHE A 113 -0.51 -6.75 6.87
CA PHE A 113 -1.21 -7.96 7.36
C PHE A 113 -0.20 -9.04 7.76
N HIS A 114 0.92 -9.19 7.03
CA HIS A 114 1.99 -10.16 7.43
C HIS A 114 2.58 -9.76 8.79
N TRP A 115 2.86 -8.48 8.99
CA TRP A 115 3.35 -7.97 10.30
C TRP A 115 2.28 -8.20 11.37
N ALA A 116 1.04 -7.76 11.12
CA ALA A 116 -0.03 -7.83 12.15
C ALA A 116 -0.20 -9.31 12.57
N LYS A 117 -0.15 -10.25 11.62
CA LYS A 117 -0.29 -11.71 11.89
C LYS A 117 0.85 -12.12 12.84
N ARG A 118 2.06 -11.64 12.59
CA ARG A 118 3.22 -12.02 13.43
C ARG A 118 3.23 -11.26 14.77
N ASN A 119 2.42 -10.21 14.96
CA ASN A 119 2.60 -9.26 16.09
C ASN A 119 1.23 -8.85 16.61
N PRO A 120 0.29 -9.80 16.75
CA PRO A 120 -1.13 -9.45 16.96
C PRO A 120 -1.32 -8.40 18.06
N GLU A 121 -0.56 -8.54 19.14
CA GLU A 121 -0.70 -7.82 20.45
C GLU A 121 -0.32 -6.34 20.26
N ARG A 122 0.42 -6.00 19.21
CA ARG A 122 0.89 -4.62 18.95
C ARG A 122 -0.03 -3.84 17.97
N VAL A 123 -1.07 -4.45 17.40
CA VAL A 123 -1.99 -3.76 16.43
C VAL A 123 -3.33 -3.39 17.06
N LYS A 124 -3.60 -2.08 17.14
CA LYS A 124 -4.82 -1.53 17.78
C LYS A 124 -5.93 -1.33 16.74
N GLY A 125 -5.64 -1.48 15.46
CA GLY A 125 -6.57 -1.22 14.35
C GLY A 125 -5.90 -1.35 12.99
N ILE A 126 -6.66 -1.74 11.98
CA ILE A 126 -6.15 -1.79 10.57
C ILE A 126 -7.20 -1.11 9.70
N ALA A 127 -6.82 -0.01 9.04
CA ALA A 127 -7.59 0.55 7.91
C ALA A 127 -6.91 0.11 6.60
N PHE A 128 -7.68 -0.41 5.64
CA PHE A 128 -7.16 -1.09 4.42
C PHE A 128 -8.11 -0.87 3.24
N MET A 129 -7.53 -1.04 2.08
CA MET A 129 -8.18 -0.73 0.79
C MET A 129 -7.34 -1.34 -0.33
N GLU A 130 -7.98 -1.92 -1.31
CA GLU A 130 -7.33 -2.38 -2.54
C GLU A 130 -6.10 -3.19 -2.11
N PHE A 131 -6.40 -4.29 -1.42
CA PHE A 131 -5.41 -5.09 -0.66
C PHE A 131 -5.20 -6.40 -1.42
N ILE A 132 -4.10 -7.08 -1.13
CA ILE A 132 -3.66 -8.33 -1.78
C ILE A 132 -4.33 -9.51 -1.06
N ARG A 133 -5.13 -10.28 -1.78
CA ARG A 133 -5.61 -11.62 -1.35
C ARG A 133 -5.17 -12.61 -2.43
N PRO A 134 -5.24 -13.93 -2.18
CA PRO A 134 -4.86 -14.90 -3.21
C PRO A 134 -5.85 -14.80 -4.38
N ILE A 135 -5.31 -14.83 -5.60
CA ILE A 135 -6.08 -14.81 -6.87
C ILE A 135 -6.02 -16.23 -7.44
N PRO A 136 -6.96 -17.12 -7.11
CA PRO A 136 -6.79 -18.55 -7.42
C PRO A 136 -6.59 -18.84 -8.93
N THR A 137 -7.30 -18.15 -9.85
CA THR A 137 -6.99 -18.16 -11.30
C THR A 137 -7.04 -16.73 -11.88
N TRP A 138 -6.61 -16.60 -13.14
CA TRP A 138 -6.65 -15.33 -13.92
C TRP A 138 -8.07 -14.87 -14.15
N ASP A 139 -9.05 -15.74 -13.93
CA ASP A 139 -10.48 -15.37 -14.12
C ASP A 139 -10.90 -14.44 -12.98
N GLU A 140 -10.24 -14.51 -11.82
CA GLU A 140 -10.58 -13.70 -10.62
C GLU A 140 -9.86 -12.34 -10.69
N TRP A 141 -8.75 -12.23 -11.43
CA TRP A 141 -8.11 -10.95 -11.81
C TRP A 141 -9.06 -10.22 -12.76
N PRO A 142 -9.23 -8.88 -12.66
CA PRO A 142 -10.14 -8.17 -13.55
C PRO A 142 -9.74 -8.36 -15.02
N GLU A 143 -10.75 -8.55 -15.88
CA GLU A 143 -10.61 -8.78 -17.34
C GLU A 143 -9.65 -7.76 -17.96
N PHE A 144 -9.85 -6.47 -17.70
CA PHE A 144 -9.15 -5.37 -18.41
C PHE A 144 -7.65 -5.37 -18.08
N ALA A 145 -7.28 -5.88 -16.89
CA ALA A 145 -5.90 -5.85 -16.35
C ALA A 145 -5.15 -7.14 -16.71
N ARG A 146 -5.80 -8.06 -17.41
CA ARG A 146 -5.37 -9.47 -17.41
C ARG A 146 -4.17 -9.63 -18.34
N GLU A 147 -4.25 -9.07 -19.55
CA GLU A 147 -3.17 -9.19 -20.58
C GLU A 147 -1.96 -8.39 -20.10
N THR A 148 -2.18 -7.17 -19.61
CA THR A 148 -1.11 -6.29 -19.05
C THR A 148 -0.26 -7.10 -18.07
N PHE A 149 -0.86 -7.70 -17.05
CA PHE A 149 -0.13 -8.32 -15.92
C PHE A 149 0.48 -9.63 -16.37
N GLN A 150 -0.10 -10.27 -17.38
CA GLN A 150 0.42 -11.54 -17.94
C GLN A 150 1.73 -11.23 -18.67
N ALA A 151 1.78 -10.10 -19.40
CA ALA A 151 3.02 -9.62 -20.07
C ALA A 151 4.06 -9.23 -19.02
N PHE A 152 3.67 -8.49 -17.95
CA PHE A 152 4.57 -8.08 -16.83
C PHE A 152 5.28 -9.32 -16.22
N ARG A 153 4.63 -10.48 -16.19
CA ARG A 153 5.17 -11.71 -15.56
C ARG A 153 6.00 -12.48 -16.59
N THR A 154 6.90 -11.81 -17.30
CA THR A 154 7.92 -12.44 -18.19
C THR A 154 9.23 -11.66 -18.08
N THR A 155 10.33 -12.39 -17.98
CA THR A 155 11.70 -11.84 -17.81
C THR A 155 12.07 -11.08 -19.09
N ASP A 156 11.41 -11.35 -20.23
CA ASP A 156 11.69 -10.59 -21.47
C ASP A 156 10.67 -9.46 -21.66
N VAL A 157 9.41 -9.80 -21.89
CA VAL A 157 8.38 -8.78 -22.24
C VAL A 157 8.13 -7.83 -21.05
N GLY A 158 8.04 -8.36 -19.84
CA GLY A 158 7.78 -7.57 -18.61
C GLY A 158 8.82 -6.49 -18.39
N ARG A 159 10.12 -6.83 -18.43
CA ARG A 159 11.27 -5.90 -18.21
C ARG A 159 11.33 -4.86 -19.34
N LYS A 160 10.85 -5.18 -20.53
CA LYS A 160 10.88 -4.22 -21.66
C LYS A 160 9.88 -3.11 -21.36
N LEU A 161 8.69 -3.52 -20.93
CA LEU A 161 7.57 -2.60 -20.62
C LEU A 161 7.93 -1.76 -19.38
N ILE A 162 8.27 -2.42 -18.28
CA ILE A 162 8.36 -1.74 -16.96
C ILE A 162 9.70 -1.04 -16.86
N ILE A 163 10.79 -1.75 -17.15
CA ILE A 163 12.17 -1.19 -16.95
C ILE A 163 12.54 -0.28 -18.12
N ASP A 164 12.46 -0.77 -19.36
CA ASP A 164 12.94 0.03 -20.51
C ASP A 164 11.92 1.16 -20.69
N GLN A 165 10.63 0.87 -20.97
CA GLN A 165 9.63 1.96 -21.26
C GLN A 165 8.99 2.60 -20.00
N ASN A 166 9.17 2.07 -18.78
CA ASN A 166 8.57 2.65 -17.54
C ASN A 166 7.02 2.67 -17.62
N VAL A 167 6.42 1.61 -18.13
CA VAL A 167 4.96 1.57 -18.45
C VAL A 167 4.14 1.53 -17.15
N PHE A 168 4.72 1.02 -16.06
CA PHE A 168 4.02 1.00 -14.75
C PHE A 168 3.74 2.45 -14.29
N ILE A 169 4.68 3.34 -14.54
CA ILE A 169 4.60 4.74 -14.06
C ILE A 169 3.69 5.51 -15.02
N GLU A 170 4.02 5.45 -16.32
CA GLU A 170 3.40 6.27 -17.39
C GLU A 170 1.98 5.75 -17.73
N GLY A 171 1.76 4.42 -17.64
CA GLY A 171 0.47 3.77 -17.98
C GLY A 171 -0.30 3.21 -16.78
N THR A 172 0.24 2.19 -16.11
CA THR A 172 -0.52 1.36 -15.14
C THR A 172 -1.02 2.29 -14.04
N LEU A 173 -0.15 3.20 -13.59
CA LEU A 173 -0.38 4.08 -12.43
C LEU A 173 -1.59 4.98 -12.64
N PRO A 174 -1.61 5.88 -13.66
CA PRO A 174 -2.74 6.81 -13.86
C PRO A 174 -4.04 6.09 -14.25
N MET A 175 -3.87 4.91 -14.84
CA MET A 175 -5.01 4.06 -15.23
C MET A 175 -5.67 3.39 -13.99
N GLY A 176 -4.96 3.34 -12.85
CA GLY A 176 -5.53 2.94 -11.55
C GLY A 176 -6.26 4.06 -10.84
N VAL A 177 -6.44 5.21 -11.49
CA VAL A 177 -7.15 6.37 -10.93
C VAL A 177 -8.33 6.75 -11.82
N VAL A 178 -9.51 6.88 -11.22
CA VAL A 178 -10.75 7.31 -11.93
C VAL A 178 -10.63 8.76 -12.45
N ARG A 179 -10.25 9.73 -11.63
CA ARG A 179 -10.05 11.11 -12.14
C ARG A 179 -8.68 11.17 -12.82
N PRO A 180 -8.46 12.18 -13.68
CA PRO A 180 -7.17 12.31 -14.38
C PRO A 180 -6.10 12.90 -13.44
N LEU A 181 -5.01 12.17 -13.22
CA LEU A 181 -3.86 12.73 -12.50
C LEU A 181 -3.33 13.90 -13.33
N THR A 182 -2.86 14.97 -12.67
CA THR A 182 -2.30 16.16 -13.34
C THR A 182 -0.83 15.88 -13.59
N GLU A 183 -0.22 16.62 -14.51
CA GLU A 183 1.22 16.46 -14.86
C GLU A 183 2.08 16.64 -13.58
N VAL A 184 1.74 17.59 -12.69
CA VAL A 184 2.50 17.81 -11.40
C VAL A 184 2.47 16.50 -10.58
N GLU A 185 1.30 15.86 -10.42
CA GLU A 185 1.13 14.55 -9.71
C GLU A 185 2.05 13.52 -10.39
N MET A 186 1.94 13.39 -11.70
CA MET A 186 2.71 12.39 -12.48
C MET A 186 4.20 12.61 -12.21
N ASP A 187 4.61 13.88 -12.17
CA ASP A 187 6.03 14.24 -11.96
C ASP A 187 6.52 13.80 -10.56
N HIS A 188 5.68 13.90 -9.51
CA HIS A 188 6.06 13.38 -8.17
C HIS A 188 6.31 11.87 -8.23
N TYR A 189 5.39 11.14 -8.88
CA TYR A 189 5.44 9.65 -8.97
C TYR A 189 6.58 9.23 -9.90
N ARG A 190 6.89 10.09 -10.88
CA ARG A 190 8.00 9.91 -11.86
C ARG A 190 9.36 9.96 -11.15
N GLU A 191 9.49 10.88 -10.17
CA GLU A 191 10.77 11.32 -9.56
C GLU A 191 11.67 10.15 -9.17
N PRO A 192 11.20 9.15 -8.38
CA PRO A 192 12.12 8.11 -7.91
C PRO A 192 12.77 7.32 -9.04
N PHE A 193 12.19 7.38 -10.24
CA PHE A 193 12.36 6.35 -11.29
C PHE A 193 12.82 6.97 -12.61
N LEU A 194 13.43 8.16 -12.57
CA LEU A 194 13.98 8.83 -13.79
C LEU A 194 15.10 7.96 -14.39
N ASN A 195 15.90 7.31 -13.54
CA ASN A 195 16.94 6.36 -13.98
C ASN A 195 16.35 4.95 -14.14
N PRO A 196 16.35 4.38 -15.37
CA PRO A 196 15.85 3.01 -15.64
C PRO A 196 16.33 1.85 -14.73
N VAL A 197 17.61 1.84 -14.36
CA VAL A 197 18.17 0.75 -13.50
C VAL A 197 17.47 0.77 -12.13
N ASP A 198 16.87 1.90 -11.74
CA ASP A 198 16.20 2.05 -10.41
C ASP A 198 14.77 1.50 -10.45
N ARG A 199 14.34 0.92 -11.57
CA ARG A 199 12.96 0.43 -11.74
C ARG A 199 12.79 -1.05 -11.36
N GLU A 200 13.79 -1.71 -10.78
CA GLU A 200 13.68 -3.16 -10.52
C GLU A 200 12.49 -3.50 -9.62
N PRO A 201 12.21 -2.76 -8.52
CA PRO A 201 11.06 -3.11 -7.67
C PRO A 201 9.71 -3.03 -8.38
N LEU A 202 9.63 -2.22 -9.42
CA LEU A 202 8.40 -1.94 -10.19
C LEU A 202 7.97 -3.17 -10.96
N TRP A 203 8.94 -4.06 -11.23
CA TRP A 203 8.78 -5.24 -12.12
C TRP A 203 8.71 -6.49 -11.26
N ARG A 204 9.55 -6.56 -10.23
CA ARG A 204 9.52 -7.68 -9.26
C ARG A 204 8.10 -7.78 -8.68
N PHE A 205 7.52 -6.71 -8.14
CA PHE A 205 6.25 -6.84 -7.36
C PHE A 205 5.19 -7.58 -8.17
N PRO A 206 4.89 -7.12 -9.41
CA PRO A 206 3.87 -7.77 -10.23
C PRO A 206 4.24 -9.26 -10.32
N ASN A 207 5.53 -9.59 -10.44
CA ASN A 207 5.98 -11.00 -10.50
C ASN A 207 5.74 -11.73 -9.17
N GLU A 208 5.52 -10.99 -8.07
CA GLU A 208 5.27 -11.57 -6.71
C GLU A 208 3.76 -11.68 -6.42
N LEU A 209 2.89 -11.19 -7.29
CA LEU A 209 1.43 -11.25 -7.00
C LEU A 209 1.03 -12.71 -6.92
N PRO A 210 0.19 -13.06 -5.91
CA PRO A 210 -0.24 -14.44 -5.67
C PRO A 210 -1.36 -14.86 -6.65
N ILE A 211 -1.00 -15.32 -7.85
CA ILE A 211 -2.00 -15.50 -8.97
C ILE A 211 -1.85 -16.90 -9.53
N ALA A 212 -2.96 -17.65 -9.59
CA ALA A 212 -2.99 -19.04 -10.11
C ALA A 212 -1.82 -19.78 -9.46
N GLY A 213 -1.74 -19.73 -8.13
CA GLY A 213 -0.86 -20.58 -7.30
C GLY A 213 0.61 -20.19 -7.32
N GLU A 214 1.01 -19.09 -7.98
CA GLU A 214 2.44 -18.73 -8.06
C GLU A 214 2.68 -17.23 -7.89
N PRO A 215 3.76 -16.81 -7.19
CA PRO A 215 4.74 -17.74 -6.60
C PRO A 215 4.14 -18.46 -5.39
N ALA A 216 4.50 -19.73 -5.23
CA ALA A 216 4.01 -20.64 -4.16
C ALA A 216 4.04 -19.97 -2.80
N ASN A 217 5.19 -19.36 -2.48
CA ASN A 217 5.57 -18.87 -1.13
C ASN A 217 4.70 -17.67 -0.73
N ILE A 218 4.51 -16.70 -1.62
CA ILE A 218 3.62 -15.51 -1.44
C ILE A 218 2.20 -15.99 -1.23
N VAL A 219 1.75 -16.95 -2.06
CA VAL A 219 0.37 -17.52 -2.00
C VAL A 219 0.13 -18.05 -0.58
N ALA A 220 1.07 -18.82 -0.03
CA ALA A 220 0.99 -19.40 1.33
C ALA A 220 0.95 -18.26 2.34
N LEU A 221 1.87 -17.32 2.21
CA LEU A 221 2.02 -16.18 3.15
C LEU A 221 0.70 -15.39 3.27
N VAL A 222 0.04 -15.19 2.13
CA VAL A 222 -1.16 -14.32 2.01
C VAL A 222 -2.36 -15.10 2.57
N GLU A 223 -2.48 -16.40 2.32
CA GLU A 223 -3.58 -17.25 2.88
C GLU A 223 -3.52 -17.16 4.40
N GLU A 224 -2.31 -17.29 4.92
CA GLU A 224 -2.08 -17.29 6.39
C GLU A 224 -2.55 -15.94 6.96
N TYR A 225 -2.17 -14.80 6.36
CA TYR A 225 -2.62 -13.51 6.96
C TYR A 225 -4.11 -13.29 6.74
N MET A 226 -4.67 -13.90 5.69
CA MET A 226 -6.14 -13.82 5.49
C MET A 226 -6.84 -14.66 6.57
N ASP A 227 -6.36 -15.87 6.86
CA ASP A 227 -6.95 -16.74 7.91
C ASP A 227 -6.94 -15.98 9.23
N TRP A 228 -5.79 -15.41 9.57
CA TRP A 228 -5.63 -14.54 10.76
C TRP A 228 -6.61 -13.35 10.69
N LEU A 229 -6.73 -12.67 9.53
CA LEU A 229 -7.53 -11.44 9.52
C LEU A 229 -8.98 -11.81 9.82
N HIS A 230 -9.41 -12.94 9.24
CA HIS A 230 -10.79 -13.47 9.33
C HIS A 230 -11.09 -13.82 10.80
N GLN A 231 -10.09 -14.19 11.59
CA GLN A 231 -10.30 -14.66 12.99
C GLN A 231 -9.90 -13.58 14.01
N SER A 232 -9.14 -12.55 13.64
CA SER A 232 -8.76 -11.47 14.58
C SER A 232 -9.96 -10.63 15.00
N PRO A 233 -10.07 -10.25 16.29
CA PRO A 233 -11.03 -9.23 16.73
C PRO A 233 -10.54 -7.78 16.56
N VAL A 234 -9.33 -7.59 16.01
CA VAL A 234 -8.78 -6.20 15.87
C VAL A 234 -9.80 -5.34 15.13
N PRO A 235 -10.08 -4.10 15.56
CA PRO A 235 -10.92 -3.19 14.78
C PRO A 235 -10.38 -2.98 13.35
N LYS A 236 -11.28 -3.03 12.37
CA LYS A 236 -11.03 -3.02 10.92
C LYS A 236 -11.87 -1.92 10.27
N LEU A 237 -11.30 -1.24 9.27
CA LEU A 237 -11.95 -0.19 8.46
C LEU A 237 -11.51 -0.39 7.00
N LEU A 238 -12.45 -0.78 6.16
CA LEU A 238 -12.25 -1.13 4.74
C LEU A 238 -12.84 -0.04 3.87
N PHE A 239 -11.97 0.63 3.12
CA PHE A 239 -12.35 1.50 2.00
C PHE A 239 -12.47 0.67 0.72
N TRP A 240 -13.54 0.91 -0.04
CA TRP A 240 -13.79 0.24 -1.33
C TRP A 240 -14.39 1.26 -2.29
N GLY A 241 -14.13 1.08 -3.58
CA GLY A 241 -14.80 1.87 -4.62
C GLY A 241 -15.41 1.00 -5.69
N THR A 242 -16.18 1.66 -6.54
CA THR A 242 -16.86 1.04 -7.72
C THR A 242 -16.12 1.46 -8.99
N PRO A 243 -15.59 0.54 -9.83
CA PRO A 243 -15.76 -0.92 -9.65
C PRO A 243 -14.65 -1.62 -8.86
N GLY A 244 -13.68 -0.85 -8.37
CA GLY A 244 -12.42 -1.35 -7.79
C GLY A 244 -11.57 -2.06 -8.81
N VAL A 245 -10.46 -2.63 -8.39
CA VAL A 245 -9.63 -3.60 -9.15
C VAL A 245 -9.41 -4.88 -8.34
N LEU A 246 -8.63 -4.82 -7.25
CA LEU A 246 -8.26 -6.01 -6.44
C LEU A 246 -9.46 -6.41 -5.57
N ILE A 247 -10.31 -5.45 -5.18
CA ILE A 247 -11.53 -5.70 -4.32
C ILE A 247 -12.78 -5.17 -5.01
N PRO A 248 -13.55 -6.02 -5.72
CA PRO A 248 -14.83 -5.61 -6.28
C PRO A 248 -15.85 -5.31 -5.19
N PRO A 249 -16.88 -4.47 -5.46
CA PRO A 249 -17.90 -4.18 -4.48
C PRO A 249 -18.46 -5.41 -3.75
N ALA A 250 -18.80 -6.45 -4.50
CA ALA A 250 -19.31 -7.75 -3.97
C ALA A 250 -18.33 -8.31 -2.93
N GLU A 251 -17.03 -8.29 -3.22
CA GLU A 251 -16.01 -8.78 -2.27
C GLU A 251 -16.09 -7.93 -0.99
N ALA A 252 -16.05 -6.59 -1.12
CA ALA A 252 -16.13 -5.61 -0.02
C ALA A 252 -17.34 -5.90 0.88
N ALA A 253 -18.50 -6.19 0.31
CA ALA A 253 -19.75 -6.31 1.08
C ALA A 253 -19.67 -7.60 1.92
N ARG A 254 -19.17 -8.66 1.33
CA ARG A 254 -18.99 -10.00 1.98
C ARG A 254 -18.04 -9.82 3.19
N LEU A 255 -16.89 -9.18 2.96
CA LEU A 255 -15.85 -8.92 3.98
C LEU A 255 -16.42 -8.00 5.06
N ALA A 256 -17.09 -6.91 4.71
CA ALA A 256 -17.79 -6.02 5.68
C ALA A 256 -18.61 -6.85 6.67
N LYS A 257 -19.19 -7.95 6.21
CA LYS A 257 -20.16 -8.75 6.98
C LYS A 257 -19.43 -9.84 7.74
N SER A 258 -18.34 -10.39 7.21
CA SER A 258 -17.67 -11.61 7.73
C SER A 258 -16.46 -11.25 8.60
N LEU A 259 -15.69 -10.20 8.23
CA LEU A 259 -14.53 -9.75 9.04
C LEU A 259 -15.06 -9.24 10.38
N PRO A 260 -14.59 -9.80 11.53
CA PRO A 260 -15.03 -9.30 12.82
C PRO A 260 -14.74 -7.79 12.95
N ASN A 261 -15.70 -7.06 13.51
CA ASN A 261 -15.47 -5.73 14.09
C ASN A 261 -14.94 -4.81 12.98
N CYS A 262 -15.53 -4.91 11.78
CA CYS A 262 -15.10 -4.24 10.53
C CYS A 262 -16.18 -3.27 10.10
N LYS A 263 -15.84 -2.01 9.80
CA LYS A 263 -16.73 -1.04 9.13
C LYS A 263 -16.23 -0.89 7.69
N ALA A 264 -17.14 -0.69 6.72
CA ALA A 264 -16.86 -0.43 5.29
C ALA A 264 -17.36 0.96 4.89
N VAL A 265 -16.55 1.65 4.10
CA VAL A 265 -16.80 3.02 3.59
C VAL A 265 -16.59 2.93 2.10
N ASP A 266 -17.69 3.11 1.37
CA ASP A 266 -17.78 3.35 -0.09
C ASP A 266 -17.14 4.72 -0.37
N ILE A 267 -16.12 4.79 -1.22
CA ILE A 267 -15.52 6.11 -1.52
C ILE A 267 -16.17 6.74 -2.76
N GLY A 268 -17.06 6.00 -3.43
CA GLY A 268 -17.64 6.34 -4.74
C GLY A 268 -16.85 5.69 -5.87
N PRO A 269 -16.85 6.33 -7.06
CA PRO A 269 -16.03 5.89 -8.18
C PRO A 269 -14.59 5.62 -7.73
N GLY A 270 -14.08 4.44 -7.97
CA GLY A 270 -12.75 4.03 -7.50
C GLY A 270 -12.25 2.83 -8.25
N LEU A 271 -10.93 2.77 -8.43
CA LEU A 271 -10.20 1.67 -9.10
C LEU A 271 -9.18 1.06 -8.13
N ASN A 272 -7.88 1.32 -8.28
CA ASN A 272 -6.85 0.80 -7.35
C ASN A 272 -6.42 1.84 -6.29
N LEU A 273 -5.96 3.03 -6.76
CA LEU A 273 -5.50 4.19 -5.95
C LEU A 273 -6.68 5.04 -5.50
N LEU A 274 -7.47 4.51 -4.57
CA LEU A 274 -8.66 5.16 -3.98
C LEU A 274 -8.26 6.50 -3.36
N GLN A 275 -7.03 6.59 -2.85
CA GLN A 275 -6.43 7.76 -2.21
C GLN A 275 -6.45 8.94 -3.17
N GLU A 276 -6.35 8.68 -4.48
CA GLU A 276 -6.27 9.76 -5.47
C GLU A 276 -7.66 10.21 -5.86
N ASP A 277 -8.71 9.45 -5.46
CA ASP A 277 -10.09 9.76 -5.91
C ASP A 277 -10.88 10.44 -4.79
N ASN A 278 -10.72 10.00 -3.56
CA ASN A 278 -11.47 10.66 -2.46
C ASN A 278 -10.60 10.65 -1.22
N PRO A 279 -9.46 11.38 -1.26
CA PRO A 279 -8.60 11.51 -0.07
C PRO A 279 -9.36 12.08 1.13
N ASP A 280 -10.15 13.14 0.93
CA ASP A 280 -10.79 13.86 2.05
C ASP A 280 -11.66 12.90 2.86
N LEU A 281 -12.43 12.03 2.21
CA LEU A 281 -13.30 11.07 2.93
C LEU A 281 -12.44 9.98 3.55
N ILE A 282 -11.33 9.63 2.93
CA ILE A 282 -10.51 8.52 3.49
C ILE A 282 -9.90 9.06 4.79
N GLY A 283 -9.39 10.28 4.70
CA GLY A 283 -8.86 11.01 5.85
C GLY A 283 -9.87 11.06 6.98
N SER A 284 -11.07 11.53 6.69
CA SER A 284 -11.97 12.03 7.76
C SER A 284 -12.62 10.79 8.39
N GLU A 285 -12.78 9.73 7.61
CA GLU A 285 -13.32 8.46 8.15
C GLU A 285 -12.24 7.81 9.01
N ILE A 286 -10.97 7.94 8.64
CA ILE A 286 -9.90 7.30 9.47
C ILE A 286 -9.85 8.05 10.80
N ALA A 287 -9.74 9.39 10.76
CA ALA A 287 -9.81 10.28 11.93
C ALA A 287 -11.03 9.96 12.80
N ARG A 288 -12.24 9.93 12.24
CA ARG A 288 -13.45 9.61 13.04
C ARG A 288 -13.33 8.19 13.59
N TRP A 289 -12.84 7.24 12.81
CA TRP A 289 -12.74 5.85 13.34
C TRP A 289 -11.69 5.79 14.47
N LEU A 290 -10.60 6.55 14.37
CA LEU A 290 -9.59 6.65 15.46
C LEU A 290 -10.22 7.17 16.75
N SER A 291 -11.02 8.25 16.66
CA SER A 291 -11.85 8.88 17.73
C SER A 291 -12.43 7.85 18.72
N THR A 292 -13.02 6.79 18.21
CA THR A 292 -13.94 5.87 18.93
C THR A 292 -13.20 4.56 19.26
N LEU A 293 -11.95 4.44 18.82
CA LEU A 293 -11.04 3.37 19.26
C LEU A 293 -10.62 3.69 20.69
N GLU A 294 -10.83 4.95 21.10
CA GLU A 294 -10.67 5.44 22.50
C GLU A 294 -12.00 5.18 23.24
CL CL B . 2.24 -5.10 -8.40
C10 VF2 C . -5.05 -1.53 -16.59
C15 VF2 C . -3.95 -2.00 -11.80
C17 VF2 C . -3.02 -3.03 -9.63
C20 VF2 C . -0.57 -3.58 -6.62
C22 VF2 C . -3.96 -0.72 -14.58
C24 VF2 C . -5.27 -2.18 -20.94
C01 VF2 C . -3.11 -1.69 -25.41
N02 VF2 C . -4.21 -2.13 -24.57
C03 VF2 C . -5.38 -2.78 -25.16
C04 VF2 C . -4.20 -1.94 -23.10
C05 VF2 C . -3.07 -1.33 -22.52
C06 VF2 C . -3.02 -1.11 -21.14
C07 VF2 C . -4.12 -1.54 -20.35
C08 VF2 C . -4.01 -1.32 -18.82
C09 VF2 C . -5.07 -1.76 -18.14
C11 VF2 C . -6.14 -1.97 -15.80
C12 VF2 C . -6.06 -1.75 -14.41
N13 VF2 C . -5.01 -1.13 -13.85
C14 VF2 C . -4.97 -0.96 -12.37
C16 VF2 C . -3.61 -1.78 -10.31
C18 VF2 C . -2.16 -2.68 -8.39
C19 VF2 C . -1.58 -3.94 -7.72
C23 VF2 C . -3.95 -0.91 -15.97
C25 VF2 C . -5.30 -2.37 -22.31
#